data_1DN8
# 
_entry.id   1DN8 
# 
_audit_conform.dict_name       mmcif_pdbx.dic 
_audit_conform.dict_version    5.385 
_audit_conform.dict_location   http://mmcif.pdb.org/dictionaries/ascii/mmcif_pdbx.dic 
# 
loop_
_database_2.database_id 
_database_2.database_code 
_database_2.pdbx_database_accession 
_database_2.pdbx_DOI 
PDB   1DN8         pdb_00001dn8 10.2210/pdb1dn8/pdb 
RCSB  ZDJ018       ?            ?                   
WWPDB D_1000172853 ?            ?                   
# 
loop_
_pdbx_audit_revision_history.ordinal 
_pdbx_audit_revision_history.data_content_type 
_pdbx_audit_revision_history.major_revision 
_pdbx_audit_revision_history.minor_revision 
_pdbx_audit_revision_history.revision_date 
1 'Structure model' 1 0 1988-04-16 
2 'Structure model' 1 1 2008-05-22 
3 'Structure model' 1 2 2011-07-13 
4 'Structure model' 1 3 2018-04-18 
5 'Structure model' 1 4 2024-02-07 
# 
_pdbx_audit_revision_details.ordinal             1 
_pdbx_audit_revision_details.revision_ordinal    1 
_pdbx_audit_revision_details.data_content_type   'Structure model' 
_pdbx_audit_revision_details.provider            repository 
_pdbx_audit_revision_details.type                'Initial release' 
_pdbx_audit_revision_details.description         ? 
_pdbx_audit_revision_details.details             ? 
# 
loop_
_pdbx_audit_revision_group.ordinal 
_pdbx_audit_revision_group.revision_ordinal 
_pdbx_audit_revision_group.data_content_type 
_pdbx_audit_revision_group.group 
1 2 'Structure model' 'Version format compliance' 
2 3 'Structure model' 'Version format compliance' 
3 4 'Structure model' 'Data collection'           
4 5 'Structure model' 'Data collection'           
5 5 'Structure model' 'Database references'       
6 5 'Structure model' 'Derived calculations'      
# 
loop_
_pdbx_audit_revision_category.ordinal 
_pdbx_audit_revision_category.revision_ordinal 
_pdbx_audit_revision_category.data_content_type 
_pdbx_audit_revision_category.category 
1 4 'Structure model' diffrn_detector 
2 5 'Structure model' chem_comp_atom  
3 5 'Structure model' chem_comp_bond  
4 5 'Structure model' database_2      
5 5 'Structure model' struct_site     
# 
loop_
_pdbx_audit_revision_item.ordinal 
_pdbx_audit_revision_item.revision_ordinal 
_pdbx_audit_revision_item.data_content_type 
_pdbx_audit_revision_item.item 
1 4 'Structure model' '_diffrn_detector.detector'           
2 5 'Structure model' '_database_2.pdbx_DOI'                
3 5 'Structure model' '_database_2.pdbx_database_accession' 
4 5 'Structure model' '_struct_site.pdbx_auth_asym_id'      
5 5 'Structure model' '_struct_site.pdbx_auth_comp_id'      
6 5 'Structure model' '_struct_site.pdbx_auth_seq_id'       
# 
_pdbx_database_status.status_code                     REL 
_pdbx_database_status.entry_id                        1DN8 
_pdbx_database_status.recvd_initial_deposition_date   1987-05-12 
_pdbx_database_status.deposit_site                    BNL 
_pdbx_database_status.process_site                    BNL 
_pdbx_database_status.SG_entry                        . 
_pdbx_database_status.pdb_format_compatible           Y 
_pdbx_database_status.status_code_mr                  ? 
_pdbx_database_status.status_code_sf                  ? 
_pdbx_database_status.status_code_cs                  ? 
_pdbx_database_status.methods_development_category    ? 
_pdbx_database_status.status_code_nmr_data            ? 
# 
loop_
_audit_author.name 
_audit_author.pdbx_ordinal 
'Brennan, R.G.'     1 
'Westhof, E.'       2 
'Sundaralingam, M.' 3 
# 
loop_
_citation.id 
_citation.title 
_citation.journal_abbrev 
_citation.journal_volume 
_citation.page_first 
_citation.page_last 
_citation.year 
_citation.journal_id_ASTM 
_citation.country 
_citation.journal_id_ISSN 
_citation.journal_id_CSD 
_citation.book_publisher 
_citation.pdbx_database_id_PubMed 
_citation.pdbx_database_id_DOI 
primary 
;Structure of a Z-DNA with two different backbone chain conformations. Stabilization of the decadeoxyoligonucleotide d(CGTACGTACG) by [Co(NH3)6]3+ binding to the guanine.
;
J.Biomol.Struct.Dyn. 3   649 665 1986 JBSDD6 US 0739-1102 0646 ? 3271042 ? 
1       'Crystallization and Preliminary Crystallographic Studies of the Decadeoxyoligonucleotide d(CpGpTpApCpGpTpApCpG)' 
J.Mol.Biol.          181 561 563 1985 JMOBAK UK 0022-2836 0070 ? ?       ? 
# 
loop_
_citation_author.citation_id 
_citation_author.name 
_citation_author.ordinal 
_citation_author.identifier_ORCID 
primary 'Brennan, R.G.'     1 ? 
primary 'Westhof, E.'       2 ? 
primary 'Sundaralingam, M.' 3 ? 
1       'Brennan, R.G.'     4 ? 
1       'Sundaralingam, M.' 5 ? 
# 
loop_
_entity.id 
_entity.type 
_entity.src_method 
_entity.pdbx_description 
_entity.formula_weight 
_entity.pdbx_number_of_molecules 
_entity.pdbx_ec 
_entity.pdbx_mutation 
_entity.pdbx_fragment 
_entity.details 
1 polymer     man 
;DNA (5'-D(*P*CP*GP*TP*AP*CP*GP*TP*AP*CP*G)-3')
;
588.441 2 ? ? ? ? 
2 non-polymer syn 'COBALT HEXAMMINE(III)'                          161.116 1 ? ? ? ? 
# 
_entity_poly.entity_id                      1 
_entity_poly.type                           polydeoxyribonucleotide 
_entity_poly.nstd_linkage                   no 
_entity_poly.nstd_monomer                   no 
_entity_poly.pdbx_seq_one_letter_code       '(DT)(DG)' 
_entity_poly.pdbx_seq_one_letter_code_can   TG 
_entity_poly.pdbx_strand_id                 A,B 
_entity_poly.pdbx_target_identifier         ? 
# 
_pdbx_entity_nonpoly.entity_id   2 
_pdbx_entity_nonpoly.name        'COBALT HEXAMMINE(III)' 
_pdbx_entity_nonpoly.comp_id     NCO 
# 
loop_
_entity_poly_seq.entity_id 
_entity_poly_seq.num 
_entity_poly_seq.mon_id 
_entity_poly_seq.hetero 
1 1 DT n 
1 2 DG n 
# 
loop_
_chem_comp.id 
_chem_comp.type 
_chem_comp.mon_nstd_flag 
_chem_comp.name 
_chem_comp.pdbx_synonyms 
_chem_comp.formula 
_chem_comp.formula_weight 
DG  'DNA linking' y "2'-DEOXYGUANOSINE-5'-MONOPHOSPHATE" ? 'C10 H14 N5 O7 P' 347.221 
DT  'DNA linking' y "THYMIDINE-5'-MONOPHOSPHATE"         ? 'C10 H15 N2 O8 P' 322.208 
NCO non-polymer   . 'COBALT HEXAMMINE(III)'              ? 'Co H18 N6 3'     161.116 
# 
loop_
_pdbx_poly_seq_scheme.asym_id 
_pdbx_poly_seq_scheme.entity_id 
_pdbx_poly_seq_scheme.seq_id 
_pdbx_poly_seq_scheme.mon_id 
_pdbx_poly_seq_scheme.ndb_seq_num 
_pdbx_poly_seq_scheme.pdb_seq_num 
_pdbx_poly_seq_scheme.auth_seq_num 
_pdbx_poly_seq_scheme.pdb_mon_id 
_pdbx_poly_seq_scheme.auth_mon_id 
_pdbx_poly_seq_scheme.pdb_strand_id 
_pdbx_poly_seq_scheme.pdb_ins_code 
_pdbx_poly_seq_scheme.hetero 
A 1 1 DT 1 1 1 DT T A . n 
A 1 2 DG 2 2 2 DG G A . n 
B 1 1 DT 1 3 3 DT T B . n 
B 1 2 DG 2 4 4 DG G B . n 
# 
_pdbx_nonpoly_scheme.asym_id         C 
_pdbx_nonpoly_scheme.entity_id       2 
_pdbx_nonpoly_scheme.mon_id          NCO 
_pdbx_nonpoly_scheme.ndb_seq_num     1 
_pdbx_nonpoly_scheme.pdb_seq_num     5 
_pdbx_nonpoly_scheme.auth_seq_num    5 
_pdbx_nonpoly_scheme.pdb_mon_id      NCO 
_pdbx_nonpoly_scheme.auth_mon_id     NCO 
_pdbx_nonpoly_scheme.pdb_strand_id   B 
_pdbx_nonpoly_scheme.pdb_ins_code    . 
# 
_software.name             NUCLSQ 
_software.classification   refinement 
_software.version          . 
_software.citation_id      ? 
_software.pdbx_ordinal     1 
# 
_cell.entry_id           1DN8 
_cell.length_a           17.930 
_cell.length_b           17.930 
_cell.length_c           43.410 
_cell.angle_alpha        90.00 
_cell.angle_beta         90.00 
_cell.angle_gamma        120.00 
_cell.Z_PDB              12 
_cell.pdbx_unique_axis   ? 
# 
_symmetry.entry_id                         1DN8 
_symmetry.space_group_name_H-M             'P 65' 
_symmetry.pdbx_full_space_group_name_H-M   ? 
_symmetry.cell_setting                     ? 
_symmetry.Int_Tables_number                170 
# 
_exptl.entry_id          1DN8 
_exptl.method            'X-RAY DIFFRACTION' 
_exptl.crystals_number   ? 
# 
_exptl_crystal.id                    1 
_exptl_crystal.density_meas          ? 
_exptl_crystal.density_Matthews      1.71 
_exptl_crystal.density_percent_sol   28.14 
_exptl_crystal.description           ? 
# 
_exptl_crystal_grow.crystal_id      1 
_exptl_crystal_grow.method          'VAPOR DIFFUSION' 
_exptl_crystal_grow.temp            279.00 
_exptl_crystal_grow.temp_details    ? 
_exptl_crystal_grow.pH              ? 
_exptl_crystal_grow.pdbx_details    'VAPOR DIFFUSION, temperature 279.00K' 
_exptl_crystal_grow.pdbx_pH_range   ? 
# 
loop_
_exptl_crystal_grow_comp.crystal_id 
_exptl_crystal_grow_comp.id 
_exptl_crystal_grow_comp.sol_id 
_exptl_crystal_grow_comp.name 
_exptl_crystal_grow_comp.volume 
_exptl_crystal_grow_comp.conc 
_exptl_crystal_grow_comp.details 
1 1 1 WATER           ? ? ? 
1 2 1 PROPANOL        ? ? ? 
1 3 1 SPERMINE        ? ? ? 
1 4 1 '[CO(NH3)6]CL3' ? ? ? 
1 5 2 WATER           ? ? ? 
1 6 2 PROPANOL        ? ? ? 
# 
_diffrn.id                     1 
_diffrn.ambient_temp           ? 
_diffrn.ambient_temp_details   'ROOM TEMPERATURE' 
_diffrn.crystal_id             1 
# 
_diffrn_detector.diffrn_id              1 
_diffrn_detector.detector               DIFFRACTOMETER 
_diffrn_detector.type                   'ENRAF-NONIUS CAD4' 
_diffrn_detector.pdbx_collection_date   ? 
_diffrn_detector.details                ? 
# 
_diffrn_radiation.diffrn_id                        1 
_diffrn_radiation.wavelength_id                    1 
_diffrn_radiation.pdbx_monochromatic_or_laue_m_l   ? 
_diffrn_radiation.monochromator                    ? 
_diffrn_radiation.pdbx_diffrn_protocol             ? 
_diffrn_radiation.pdbx_scattering_type             x-ray 
# 
_diffrn_radiation_wavelength.id           1 
_diffrn_radiation_wavelength.wavelength   . 
_diffrn_radiation_wavelength.wt           1.0 
# 
_reflns.entry_id                     1DN8 
_reflns.observed_criterion_sigma_I   ? 
_reflns.observed_criterion_sigma_F   2.000 
_reflns.d_resolution_low             ? 
_reflns.d_resolution_high            1.500 
_reflns.number_obs                   506 
_reflns.number_all                   1250 
_reflns.percent_possible_obs         ? 
_reflns.pdbx_Rmerge_I_obs            ? 
_reflns.pdbx_Rsym_value              ? 
_reflns.pdbx_netI_over_sigmaI        ? 
_reflns.B_iso_Wilson_estimate        ? 
_reflns.pdbx_redundancy              ? 
_reflns.pdbx_diffrn_id               1 
_reflns.pdbx_ordinal                 1 
# 
_refine.entry_id                                 1DN8 
_refine.ls_number_reflns_obs                     506 
_refine.ls_number_reflns_all                     ? 
_refine.pdbx_ls_sigma_I                          ? 
_refine.pdbx_ls_sigma_F                          2.000 
_refine.pdbx_data_cutoff_high_absF               ? 
_refine.pdbx_data_cutoff_low_absF                ? 
_refine.pdbx_data_cutoff_high_rms_absF           ? 
_refine.ls_d_res_low                             10.000 
_refine.ls_d_res_high                            1.500 
_refine.ls_percent_reflns_obs                    ? 
_refine.ls_R_factor_obs                          0.2500000 
_refine.ls_R_factor_all                          ? 
_refine.ls_R_factor_R_work                       ? 
_refine.ls_R_factor_R_free                       ? 
_refine.ls_R_factor_R_free_error                 ? 
_refine.ls_R_factor_R_free_error_details         ? 
_refine.ls_percent_reflns_R_free                 ? 
_refine.ls_number_reflns_R_free                  ? 
_refine.ls_number_parameters                     ? 
_refine.ls_number_restraints                     ? 
_refine.occupancy_min                            0.01 
_refine.occupancy_max                            1.00 
_refine.B_iso_mean                               ? 
_refine.aniso_B[1][1]                            ? 
_refine.aniso_B[2][2]                            ? 
_refine.aniso_B[3][3]                            ? 
_refine.aniso_B[1][2]                            ? 
_refine.aniso_B[1][3]                            ? 
_refine.aniso_B[2][3]                            ? 
_refine.solvent_model_details                    ? 
_refine.solvent_model_param_ksol                 ? 
_refine.solvent_model_param_bsol                 ? 
_refine.pdbx_ls_cross_valid_method               ? 
_refine.details                                  ? 
_refine.pdbx_starting_model                      ? 
_refine.pdbx_method_to_determine_struct          ? 
_refine.pdbx_isotropic_thermal_model             ? 
_refine.pdbx_stereochemistry_target_values       ? 
_refine.pdbx_stereochem_target_val_spec_case     ? 
_refine.pdbx_R_Free_selection_details            ? 
_refine.pdbx_overall_ESU_R                       ? 
_refine.pdbx_overall_ESU_R_Free                  ? 
_refine.overall_SU_ML                            ? 
_refine.overall_SU_B                             ? 
_refine.pdbx_refine_id                           'X-RAY DIFFRACTION' 
_refine.pdbx_diffrn_id                           1 
_refine.pdbx_TLS_residual_ADP_flag               ? 
_refine.correlation_coeff_Fo_to_Fc               ? 
_refine.correlation_coeff_Fo_to_Fc_free          ? 
_refine.pdbx_solvent_vdw_probe_radii             ? 
_refine.pdbx_solvent_ion_probe_radii             ? 
_refine.pdbx_solvent_shrinkage_radii             ? 
_refine.pdbx_overall_phase_error                 ? 
_refine.overall_SU_R_Cruickshank_DPI             ? 
_refine.pdbx_overall_SU_R_free_Cruickshank_DPI   ? 
_refine.pdbx_overall_SU_R_Blow_DPI               ? 
_refine.pdbx_overall_SU_R_free_Blow_DPI          ? 
# 
_refine_hist.pdbx_refine_id                   'X-RAY DIFFRACTION' 
_refine_hist.cycle_id                         LAST 
_refine_hist.pdbx_number_atoms_protein        0 
_refine_hist.pdbx_number_atoms_nucleic_acid   84 
_refine_hist.pdbx_number_atoms_ligand         7 
_refine_hist.number_atoms_solvent             0 
_refine_hist.number_atoms_total               91 
_refine_hist.d_res_high                       1.500 
_refine_hist.d_res_low                        10.000 
# 
_struct.entry_id                  1DN8 
_struct.title                     
;STRUCTURE OF A Z-DNA WITH TWO DIFFERENT BACKBONE CHAIN CONFORMATIONS. STABILIZATION OF THE DECADEOXYOLIGONUCLEOTIDE D(CGTACGTACG) BY (CO(NH3)6)3+ BINDING TO THE GUANINE
;
_struct.pdbx_model_details        ? 
_struct.pdbx_CASP_flag            ? 
_struct.pdbx_model_type_details   ? 
# 
_struct_keywords.entry_id        1DN8 
_struct_keywords.pdbx_keywords   DNA 
_struct_keywords.text            'Z-DNA, DOUBLE HELIX, DNA' 
# 
loop_
_struct_asym.id 
_struct_asym.pdbx_blank_PDB_chainid_flag 
_struct_asym.pdbx_modified 
_struct_asym.entity_id 
_struct_asym.details 
A N N 1 ? 
B N N 1 ? 
C N N 2 ? 
# 
_struct_ref.id                         1 
_struct_ref.entity_id                  1 
_struct_ref.db_name                    PDB 
_struct_ref.db_code                    1DN8 
_struct_ref.pdbx_db_accession          1DN8 
_struct_ref.pdbx_db_isoform            ? 
_struct_ref.pdbx_seq_one_letter_code   ? 
_struct_ref.pdbx_align_begin           ? 
# 
loop_
_struct_ref_seq.align_id 
_struct_ref_seq.ref_id 
_struct_ref_seq.pdbx_PDB_id_code 
_struct_ref_seq.pdbx_strand_id 
_struct_ref_seq.seq_align_beg 
_struct_ref_seq.pdbx_seq_align_beg_ins_code 
_struct_ref_seq.seq_align_end 
_struct_ref_seq.pdbx_seq_align_end_ins_code 
_struct_ref_seq.pdbx_db_accession 
_struct_ref_seq.db_align_beg 
_struct_ref_seq.pdbx_db_align_beg_ins_code 
_struct_ref_seq.db_align_end 
_struct_ref_seq.pdbx_db_align_end_ins_code 
_struct_ref_seq.pdbx_auth_seq_align_beg 
_struct_ref_seq.pdbx_auth_seq_align_end 
1 1 1DN8 A 1 ? 2 ? 1DN8 1 ? 2 ? 1 2 
2 1 1DN8 B 1 ? 2 ? 1DN8 3 ? 4 ? 3 4 
# 
_pdbx_struct_assembly.id                   1 
_pdbx_struct_assembly.details              author_defined_assembly 
_pdbx_struct_assembly.method_details       ? 
_pdbx_struct_assembly.oligomeric_details   dodecameric 
_pdbx_struct_assembly.oligomeric_count     12 
# 
_pdbx_struct_assembly_gen.assembly_id       1 
_pdbx_struct_assembly_gen.oper_expression   1,2,3,4,5,6 
_pdbx_struct_assembly_gen.asym_id_list      A,B,C 
# 
loop_
_pdbx_struct_oper_list.id 
_pdbx_struct_oper_list.type 
_pdbx_struct_oper_list.name 
_pdbx_struct_oper_list.symmetry_operation 
_pdbx_struct_oper_list.matrix[1][1] 
_pdbx_struct_oper_list.matrix[1][2] 
_pdbx_struct_oper_list.matrix[1][3] 
_pdbx_struct_oper_list.vector[1] 
_pdbx_struct_oper_list.matrix[2][1] 
_pdbx_struct_oper_list.matrix[2][2] 
_pdbx_struct_oper_list.matrix[2][3] 
_pdbx_struct_oper_list.vector[2] 
_pdbx_struct_oper_list.matrix[3][1] 
_pdbx_struct_oper_list.matrix[3][2] 
_pdbx_struct_oper_list.matrix[3][3] 
_pdbx_struct_oper_list.vector[3] 
1 'identity operation'         1_555 x,y,z         1.0000000000 0.0000000000  0.0000000000  0.0000000000   0.0000000000  1.0000000000  0.0000000000  0.0000000000  0.0000000000  0.0000000000  1.0000000000  0.0000000000  
2 'crystal symmetry operation' 6_555 x-y,x,z+5/6   0.9201449683 -0.2659310750 -0.2874263397 -32.8867130102 0.3872212403  0.5087537072  0.7689144142  -2.6501517026 -0.0582490209 -0.8188103130 0.5711013245  15.0570328346 
3 'crystal symmetry operation' 2_555 -y,x-y,z+2/3  0.7604349048 -0.1446409097 -0.6331017002 -26.9774987563 0.5085114057  -0.4737388783 0.7190185154  0.5885291932  -0.4039243814 -0.8687062118 -0.2866960265 11.3719049669 
4 'crystal symmetry operation' 4_555 -x,-y,z+1/2   0.6805798730 0.2425803307  -0.6913507211 -21.3422280721 0.2425803307  -0.9649851710 -0.0997917976 1.6908454424  -0.6913507211 -0.0997917976 -0.7155947020 6.2712522982  
5 'crystal symmetry operation' 3_555 -x+y,-x,z+1/3 0.7604349048 0.5085114057  -0.4039243814 -14.9840403258 -0.1446409097 -0.4737388783 -0.8687062118 0.5117840658  -0.6331017002 0.7190185154  -0.2866960265 2.1274258905  
6 'crystal symmetry operation' 5_555 y,-x+y,z+1/6  0.9201449683 0.3872212403  -0.0582490209 -7.6289919477  -0.2659310750 0.5087537072  -0.8188103130 -0.8122902904 -0.2874263397 0.7689144142  0.5711013245  0.3559505447  
# 
_struct_biol.id   1 
# 
loop_
_struct_conn.id 
_struct_conn.conn_type_id 
_struct_conn.pdbx_leaving_atom_flag 
_struct_conn.pdbx_PDB_id 
_struct_conn.ptnr1_label_asym_id 
_struct_conn.ptnr1_label_comp_id 
_struct_conn.ptnr1_label_seq_id 
_struct_conn.ptnr1_label_atom_id 
_struct_conn.pdbx_ptnr1_label_alt_id 
_struct_conn.pdbx_ptnr1_PDB_ins_code 
_struct_conn.pdbx_ptnr1_standard_comp_id 
_struct_conn.ptnr1_symmetry 
_struct_conn.ptnr2_label_asym_id 
_struct_conn.ptnr2_label_comp_id 
_struct_conn.ptnr2_label_seq_id 
_struct_conn.ptnr2_label_atom_id 
_struct_conn.pdbx_ptnr2_label_alt_id 
_struct_conn.pdbx_ptnr2_PDB_ins_code 
_struct_conn.ptnr1_auth_asym_id 
_struct_conn.ptnr1_auth_comp_id 
_struct_conn.ptnr1_auth_seq_id 
_struct_conn.ptnr2_auth_asym_id 
_struct_conn.ptnr2_auth_comp_id 
_struct_conn.ptnr2_auth_seq_id 
_struct_conn.ptnr2_symmetry 
_struct_conn.pdbx_ptnr3_label_atom_id 
_struct_conn.pdbx_ptnr3_label_seq_id 
_struct_conn.pdbx_ptnr3_label_comp_id 
_struct_conn.pdbx_ptnr3_label_asym_id 
_struct_conn.pdbx_ptnr3_label_alt_id 
_struct_conn.pdbx_ptnr3_PDB_ins_code 
_struct_conn.details 
_struct_conn.pdbx_dist_value 
_struct_conn.pdbx_value_order 
_struct_conn.pdbx_role 
hydrog1 hydrog ? ? A DT 1 O2 ? ? ? 1_555 B DG 2 N2 ? ? A DT 1 B DG 4 1_555 ? ? ? ? ? ? 'DT-DG MISPAIR' ? ? ? 
hydrog2 hydrog ? ? A DG 2 N1 ? ? ? 1_555 B DT 1 O2 ? ? A DG 2 B DT 3 1_555 ? ? ? ? ? ? TYPE_28_PAIR    ? ? ? 
hydrog3 hydrog ? ? A DG 2 O6 ? ? ? 1_555 B DT 1 N3 ? ? A DG 2 B DT 3 1_555 ? ? ? ? ? ? TYPE_28_PAIR    ? ? ? 
# 
_struct_conn_type.id          hydrog 
_struct_conn_type.criteria    ? 
_struct_conn_type.reference   ? 
# 
_struct_site.id                   AC1 
_struct_site.pdbx_evidence_code   Software 
_struct_site.pdbx_auth_asym_id    B 
_struct_site.pdbx_auth_comp_id    NCO 
_struct_site.pdbx_auth_seq_id     5 
_struct_site.pdbx_auth_ins_code   ? 
_struct_site.pdbx_num_residues    4 
_struct_site.details              'BINDING SITE FOR RESIDUE NCO B 5' 
# 
loop_
_struct_site_gen.id 
_struct_site_gen.site_id 
_struct_site_gen.pdbx_num_res 
_struct_site_gen.label_comp_id 
_struct_site_gen.label_asym_id 
_struct_site_gen.label_seq_id 
_struct_site_gen.pdbx_auth_ins_code 
_struct_site_gen.auth_comp_id 
_struct_site_gen.auth_asym_id 
_struct_site_gen.auth_seq_id 
_struct_site_gen.label_atom_id 
_struct_site_gen.label_alt_id 
_struct_site_gen.symmetry 
_struct_site_gen.details 
1 AC1 4 DT A 1 ? DT A 1 . ? 1_565 ? 
2 AC1 4 DT B 1 ? DT B 3 . ? 1_555 ? 
3 AC1 4 DG B 2 ? DG B 4 . ? 1_555 ? 
4 AC1 4 DG B 2 ? DG B 4 . ? 6_664 ? 
# 
loop_
_pdbx_validate_close_contact.id 
_pdbx_validate_close_contact.PDB_model_num 
_pdbx_validate_close_contact.auth_atom_id_1 
_pdbx_validate_close_contact.auth_asym_id_1 
_pdbx_validate_close_contact.auth_comp_id_1 
_pdbx_validate_close_contact.auth_seq_id_1 
_pdbx_validate_close_contact.PDB_ins_code_1 
_pdbx_validate_close_contact.label_alt_id_1 
_pdbx_validate_close_contact.auth_atom_id_2 
_pdbx_validate_close_contact.auth_asym_id_2 
_pdbx_validate_close_contact.auth_comp_id_2 
_pdbx_validate_close_contact.auth_seq_id_2 
_pdbx_validate_close_contact.PDB_ins_code_2 
_pdbx_validate_close_contact.label_alt_id_2 
_pdbx_validate_close_contact.dist 
1 1 O4 A DT 1 ? ? O6 B DG 4 ? ? 1.53 
2 1 C4 A DT 1 ? ? O6 B DG 4 ? ? 2.07 
3 1 N3 A DT 1 ? ? O6 B DG 4 ? ? 2.19 
# 
_pdbx_validate_symm_contact.id                1 
_pdbx_validate_symm_contact.PDB_model_num     1 
_pdbx_validate_symm_contact.auth_atom_id_1    P 
_pdbx_validate_symm_contact.auth_asym_id_1    B 
_pdbx_validate_symm_contact.auth_comp_id_1    DT 
_pdbx_validate_symm_contact.auth_seq_id_1     3 
_pdbx_validate_symm_contact.PDB_ins_code_1    ? 
_pdbx_validate_symm_contact.label_alt_id_1    ? 
_pdbx_validate_symm_contact.site_symmetry_1   1_555 
_pdbx_validate_symm_contact.auth_atom_id_2    "O3'" 
_pdbx_validate_symm_contact.auth_asym_id_2    B 
_pdbx_validate_symm_contact.auth_comp_id_2    DG 
_pdbx_validate_symm_contact.auth_seq_id_2     4 
_pdbx_validate_symm_contact.PDB_ins_code_2    ? 
_pdbx_validate_symm_contact.label_alt_id_2    ? 
_pdbx_validate_symm_contact.site_symmetry_2   5_555 
_pdbx_validate_symm_contact.dist              1.66 
# 
loop_
_pdbx_validate_rmsd_bond.id 
_pdbx_validate_rmsd_bond.PDB_model_num 
_pdbx_validate_rmsd_bond.auth_atom_id_1 
_pdbx_validate_rmsd_bond.auth_asym_id_1 
_pdbx_validate_rmsd_bond.auth_comp_id_1 
_pdbx_validate_rmsd_bond.auth_seq_id_1 
_pdbx_validate_rmsd_bond.PDB_ins_code_1 
_pdbx_validate_rmsd_bond.label_alt_id_1 
_pdbx_validate_rmsd_bond.auth_atom_id_2 
_pdbx_validate_rmsd_bond.auth_asym_id_2 
_pdbx_validate_rmsd_bond.auth_comp_id_2 
_pdbx_validate_rmsd_bond.auth_seq_id_2 
_pdbx_validate_rmsd_bond.PDB_ins_code_2 
_pdbx_validate_rmsd_bond.label_alt_id_2 
_pdbx_validate_rmsd_bond.bond_value 
_pdbx_validate_rmsd_bond.bond_target_value 
_pdbx_validate_rmsd_bond.bond_deviation 
_pdbx_validate_rmsd_bond.bond_standard_deviation 
_pdbx_validate_rmsd_bond.linker_flag 
1 1 P  A DT 1 ? ? OP2   A DT 1 ? ? 1.611 1.485 0.126  0.017 N 
2 1 P  A DT 1 ? ? "O5'" A DT 1 ? ? 1.733 1.593 0.140  0.010 N 
3 1 P  A DG 2 ? ? "O5'" A DG 2 ? ? 1.519 1.593 -0.074 0.010 N 
4 1 C5 A DG 2 ? ? N7    A DG 2 ? ? 1.570 1.388 0.182  0.006 N 
5 1 N7 A DG 2 ? ? C8    A DG 2 ? ? 1.349 1.305 0.044  0.006 N 
6 1 P  B DG 4 ? ? "O5'" B DG 4 ? ? 1.688 1.593 0.095  0.010 N 
7 1 C6 B DG 4 ? ? O6    B DG 4 ? ? 2.442 1.237 1.205  0.009 N 
# 
loop_
_pdbx_validate_rmsd_angle.id 
_pdbx_validate_rmsd_angle.PDB_model_num 
_pdbx_validate_rmsd_angle.auth_atom_id_1 
_pdbx_validate_rmsd_angle.auth_asym_id_1 
_pdbx_validate_rmsd_angle.auth_comp_id_1 
_pdbx_validate_rmsd_angle.auth_seq_id_1 
_pdbx_validate_rmsd_angle.PDB_ins_code_1 
_pdbx_validate_rmsd_angle.label_alt_id_1 
_pdbx_validate_rmsd_angle.auth_atom_id_2 
_pdbx_validate_rmsd_angle.auth_asym_id_2 
_pdbx_validate_rmsd_angle.auth_comp_id_2 
_pdbx_validate_rmsd_angle.auth_seq_id_2 
_pdbx_validate_rmsd_angle.PDB_ins_code_2 
_pdbx_validate_rmsd_angle.label_alt_id_2 
_pdbx_validate_rmsd_angle.auth_atom_id_3 
_pdbx_validate_rmsd_angle.auth_asym_id_3 
_pdbx_validate_rmsd_angle.auth_comp_id_3 
_pdbx_validate_rmsd_angle.auth_seq_id_3 
_pdbx_validate_rmsd_angle.PDB_ins_code_3 
_pdbx_validate_rmsd_angle.label_alt_id_3 
_pdbx_validate_rmsd_angle.angle_value 
_pdbx_validate_rmsd_angle.angle_target_value 
_pdbx_validate_rmsd_angle.angle_deviation 
_pdbx_validate_rmsd_angle.angle_standard_deviation 
_pdbx_validate_rmsd_angle.linker_flag 
1  1 "O5'" A DT 1 ? ? P     A DT 1 ? ? OP2   A DT 1 ? ? 93.30  105.70 -12.40 0.90 N 
2  1 "O5'" A DT 1 ? ? "C5'" A DT 1 ? ? "C4'" A DT 1 ? ? 104.30 109.40 -5.10  0.80 N 
3  1 P     A DT 1 ? ? "O5'" A DT 1 ? ? "C5'" A DT 1 ? ? 101.31 120.90 -19.59 1.60 N 
4  1 "O4'" A DT 1 ? ? "C1'" A DT 1 ? ? "C2'" A DT 1 ? ? 110.32 106.80 3.52   0.50 N 
5  1 "O4'" A DT 1 ? ? "C1'" A DT 1 ? ? N1    A DT 1 ? ? 101.72 108.00 -6.28  0.70 N 
6  1 N3    A DT 1 ? ? C4    A DT 1 ? ? C5    A DT 1 ? ? 120.57 115.20 5.37   0.60 N 
7  1 C4    A DT 1 ? ? C5    A DT 1 ? ? C6    A DT 1 ? ? 114.14 118.00 -3.86  0.60 N 
8  1 "C3'" A DT 1 ? ? "O3'" A DT 1 ? ? P     A DG 2 ? ? 129.47 119.70 9.77   1.20 Y 
9  1 "O3'" A DT 1 ? ? P     A DG 2 ? ? "O5'" A DG 2 ? ? 115.43 104.00 11.43  1.90 Y 
10 1 OP1   A DG 2 ? ? P     A DG 2 ? ? OP2   A DG 2 ? ? 97.21  119.60 -22.39 1.50 N 
11 1 "O5'" A DG 2 ? ? P     A DG 2 ? ? OP1   A DG 2 ? ? 128.16 110.70 17.46  1.20 N 
12 1 "O5'" A DG 2 ? ? "C5'" A DG 2 ? ? "C4'" A DG 2 ? ? 104.25 109.40 -5.15  0.80 N 
13 1 "O4'" A DG 2 ? ? "C1'" A DG 2 ? ? N9    A DG 2 ? ? 115.94 108.30 7.64   0.30 N 
14 1 C5    A DG 2 ? ? N7    A DG 2 ? ? C8    A DG 2 ? ? 93.62  104.30 -10.68 0.50 N 
15 1 N7    A DG 2 ? ? C8    A DG 2 ? ? N9    A DG 2 ? ? 121.47 113.10 8.37   0.50 N 
16 1 "O5'" B DT 3 ? ? P     B DT 3 ? ? OP2   B DT 3 ? ? 122.70 110.70 12.00  1.20 N 
17 1 P     B DT 3 ? ? "O5'" B DT 3 ? ? "C5'" B DT 3 ? ? 109.83 120.90 -11.07 1.60 N 
18 1 "O4'" B DT 3 ? ? "C4'" B DT 3 ? ? "C3'" B DT 3 ? ? 112.03 106.00 6.03   0.60 N 
19 1 "C4'" B DT 3 ? ? "C3'" B DT 3 ? ? "C2'" B DT 3 ? ? 96.17  102.20 -6.03  0.70 N 
20 1 "O4'" B DT 3 ? ? "C1'" B DT 3 ? ? N1    B DT 3 ? ? 111.78 108.30 3.48   0.30 N 
21 1 C2    B DT 3 ? ? N3    B DT 3 ? ? C4    B DT 3 ? ? 122.63 127.20 -4.57  0.60 N 
22 1 N3    B DT 3 ? ? C4    B DT 3 ? ? C5    B DT 3 ? ? 120.37 115.20 5.17   0.60 N 
23 1 C4    B DT 3 ? ? C5    B DT 3 ? ? C7    B DT 3 ? ? 122.79 119.00 3.79   0.60 N 
24 1 "O3'" B DT 3 ? ? P     B DG 4 ? ? OP2   B DG 4 ? ? 86.66  105.20 -18.54 2.20 Y 
25 1 "O3'" B DT 3 ? ? P     B DG 4 ? ? OP1   B DG 4 ? ? 140.59 110.50 30.09  1.10 Y 
26 1 "O5'" B DG 4 ? ? P     B DG 4 ? ? OP1   B DG 4 ? ? 99.28  105.70 -6.42  0.90 N 
27 1 "O5'" B DG 4 ? ? "C5'" B DG 4 ? ? "C4'" B DG 4 ? ? 99.75  109.40 -9.65  0.80 N 
28 1 P     B DG 4 ? ? "O5'" B DG 4 ? ? "C5'" B DG 4 ? ? 109.64 120.90 -11.26 1.60 N 
29 1 "O4'" B DG 4 ? ? "C1'" B DG 4 ? ? N9    B DG 4 ? ? 111.46 108.30 3.16   0.30 N 
30 1 N1    B DG 4 ? ? C6    B DG 4 ? ? O6    B DG 4 ? ? 76.88  119.90 -43.02 0.60 N 
31 1 C5    B DG 4 ? ? C6    B DG 4 ? ? O6    B DG 4 ? ? 171.31 128.60 42.71  0.60 N 
# 
loop_
_refine_B_iso.class 
_refine_B_iso.details 
_refine_B_iso.treatment 
_refine_B_iso.pdbx_refine_id 
1                  ?  ?         'X-RAY DIFFRACTION' 
'ALL ATOMS'        TR isotropic 'X-RAY DIFFRACTION' 
'(CH3) ON THYMINE' TR isotropic 'X-RAY DIFFRACTION' 
'(NH2) ON ADENINE' TR isotropic 'X-RAY DIFFRACTION' 
'PO4 5PRIME TO PY' TR isotropic 'X-RAY DIFFRACTION' 
'[CO(NH3)6]3+'     TR isotropic 'X-RAY DIFFRACTION' 
# 
loop_
_refine_occupancy.class 
_refine_occupancy.treatment 
_refine_occupancy.pdbx_refine_id 
1                  ?   'X-RAY DIFFRACTION' 
'ALL ATOMS'        fix 'X-RAY DIFFRACTION' 
'(CH3) ON THYMINE' fix 'X-RAY DIFFRACTION' 
'(NH2) ON ADENINE' fix 'X-RAY DIFFRACTION' 
'PO4 5PRIME TO PY' fix 'X-RAY DIFFRACTION' 
'[CO(NH3)6]3+'     ref 'X-RAY DIFFRACTION' 
# 
loop_
_chem_comp_atom.comp_id 
_chem_comp_atom.atom_id 
_chem_comp_atom.type_symbol 
_chem_comp_atom.pdbx_aromatic_flag 
_chem_comp_atom.pdbx_stereo_config 
_chem_comp_atom.pdbx_ordinal 
DG  OP3    O  N N 1  
DG  P      P  N N 2  
DG  OP1    O  N N 3  
DG  OP2    O  N N 4  
DG  "O5'"  O  N N 5  
DG  "C5'"  C  N N 6  
DG  "C4'"  C  N R 7  
DG  "O4'"  O  N N 8  
DG  "C3'"  C  N S 9  
DG  "O3'"  O  N N 10 
DG  "C2'"  C  N N 11 
DG  "C1'"  C  N R 12 
DG  N9     N  Y N 13 
DG  C8     C  Y N 14 
DG  N7     N  Y N 15 
DG  C5     C  Y N 16 
DG  C6     C  N N 17 
DG  O6     O  N N 18 
DG  N1     N  N N 19 
DG  C2     C  N N 20 
DG  N2     N  N N 21 
DG  N3     N  N N 22 
DG  C4     C  Y N 23 
DG  HOP3   H  N N 24 
DG  HOP2   H  N N 25 
DG  "H5'"  H  N N 26 
DG  "H5''" H  N N 27 
DG  "H4'"  H  N N 28 
DG  "H3'"  H  N N 29 
DG  "HO3'" H  N N 30 
DG  "H2'"  H  N N 31 
DG  "H2''" H  N N 32 
DG  "H1'"  H  N N 33 
DG  H8     H  N N 34 
DG  H1     H  N N 35 
DG  H21    H  N N 36 
DG  H22    H  N N 37 
DT  OP3    O  N N 38 
DT  P      P  N N 39 
DT  OP1    O  N N 40 
DT  OP2    O  N N 41 
DT  "O5'"  O  N N 42 
DT  "C5'"  C  N N 43 
DT  "C4'"  C  N R 44 
DT  "O4'"  O  N N 45 
DT  "C3'"  C  N S 46 
DT  "O3'"  O  N N 47 
DT  "C2'"  C  N N 48 
DT  "C1'"  C  N R 49 
DT  N1     N  N N 50 
DT  C2     C  N N 51 
DT  O2     O  N N 52 
DT  N3     N  N N 53 
DT  C4     C  N N 54 
DT  O4     O  N N 55 
DT  C5     C  N N 56 
DT  C7     C  N N 57 
DT  C6     C  N N 58 
DT  HOP3   H  N N 59 
DT  HOP2   H  N N 60 
DT  "H5'"  H  N N 61 
DT  "H5''" H  N N 62 
DT  "H4'"  H  N N 63 
DT  "H3'"  H  N N 64 
DT  "HO3'" H  N N 65 
DT  "H2'"  H  N N 66 
DT  "H2''" H  N N 67 
DT  "H1'"  H  N N 68 
DT  H3     H  N N 69 
DT  H71    H  N N 70 
DT  H72    H  N N 71 
DT  H73    H  N N 72 
DT  H6     H  N N 73 
NCO CO     CO N N 74 
NCO N1     N  N N 75 
NCO N2     N  N N 76 
NCO N3     N  N N 77 
NCO N4     N  N N 78 
NCO N5     N  N N 79 
NCO N6     N  N N 80 
NCO HN11   H  N N 81 
NCO HN12   H  N N 82 
NCO HN13   H  N N 83 
NCO HN21   H  N N 84 
NCO HN22   H  N N 85 
NCO HN23   H  N N 86 
NCO HN31   H  N N 87 
NCO HN32   H  N N 88 
NCO HN33   H  N N 89 
NCO HN41   H  N N 90 
NCO HN42   H  N N 91 
NCO HN43   H  N N 92 
NCO HN51   H  N N 93 
NCO HN52   H  N N 94 
NCO HN53   H  N N 95 
NCO HN61   H  N N 96 
NCO HN62   H  N N 97 
NCO HN63   H  N N 98 
# 
loop_
_chem_comp_bond.comp_id 
_chem_comp_bond.atom_id_1 
_chem_comp_bond.atom_id_2 
_chem_comp_bond.value_order 
_chem_comp_bond.pdbx_aromatic_flag 
_chem_comp_bond.pdbx_stereo_config 
_chem_comp_bond.pdbx_ordinal 
DG  OP3   P      sing N N 1   
DG  OP3   HOP3   sing N N 2   
DG  P     OP1    doub N N 3   
DG  P     OP2    sing N N 4   
DG  P     "O5'"  sing N N 5   
DG  OP2   HOP2   sing N N 6   
DG  "O5'" "C5'"  sing N N 7   
DG  "C5'" "C4'"  sing N N 8   
DG  "C5'" "H5'"  sing N N 9   
DG  "C5'" "H5''" sing N N 10  
DG  "C4'" "O4'"  sing N N 11  
DG  "C4'" "C3'"  sing N N 12  
DG  "C4'" "H4'"  sing N N 13  
DG  "O4'" "C1'"  sing N N 14  
DG  "C3'" "O3'"  sing N N 15  
DG  "C3'" "C2'"  sing N N 16  
DG  "C3'" "H3'"  sing N N 17  
DG  "O3'" "HO3'" sing N N 18  
DG  "C2'" "C1'"  sing N N 19  
DG  "C2'" "H2'"  sing N N 20  
DG  "C2'" "H2''" sing N N 21  
DG  "C1'" N9     sing N N 22  
DG  "C1'" "H1'"  sing N N 23  
DG  N9    C8     sing Y N 24  
DG  N9    C4     sing Y N 25  
DG  C8    N7     doub Y N 26  
DG  C8    H8     sing N N 27  
DG  N7    C5     sing Y N 28  
DG  C5    C6     sing N N 29  
DG  C5    C4     doub Y N 30  
DG  C6    O6     doub N N 31  
DG  C6    N1     sing N N 32  
DG  N1    C2     sing N N 33  
DG  N1    H1     sing N N 34  
DG  C2    N2     sing N N 35  
DG  C2    N3     doub N N 36  
DG  N2    H21    sing N N 37  
DG  N2    H22    sing N N 38  
DG  N3    C4     sing N N 39  
DT  OP3   P      sing N N 40  
DT  OP3   HOP3   sing N N 41  
DT  P     OP1    doub N N 42  
DT  P     OP2    sing N N 43  
DT  P     "O5'"  sing N N 44  
DT  OP2   HOP2   sing N N 45  
DT  "O5'" "C5'"  sing N N 46  
DT  "C5'" "C4'"  sing N N 47  
DT  "C5'" "H5'"  sing N N 48  
DT  "C5'" "H5''" sing N N 49  
DT  "C4'" "O4'"  sing N N 50  
DT  "C4'" "C3'"  sing N N 51  
DT  "C4'" "H4'"  sing N N 52  
DT  "O4'" "C1'"  sing N N 53  
DT  "C3'" "O3'"  sing N N 54  
DT  "C3'" "C2'"  sing N N 55  
DT  "C3'" "H3'"  sing N N 56  
DT  "O3'" "HO3'" sing N N 57  
DT  "C2'" "C1'"  sing N N 58  
DT  "C2'" "H2'"  sing N N 59  
DT  "C2'" "H2''" sing N N 60  
DT  "C1'" N1     sing N N 61  
DT  "C1'" "H1'"  sing N N 62  
DT  N1    C2     sing N N 63  
DT  N1    C6     sing N N 64  
DT  C2    O2     doub N N 65  
DT  C2    N3     sing N N 66  
DT  N3    C4     sing N N 67  
DT  N3    H3     sing N N 68  
DT  C4    O4     doub N N 69  
DT  C4    C5     sing N N 70  
DT  C5    C7     sing N N 71  
DT  C5    C6     doub N N 72  
DT  C7    H71    sing N N 73  
DT  C7    H72    sing N N 74  
DT  C7    H73    sing N N 75  
DT  C6    H6     sing N N 76  
NCO CO    N1     sing N N 77  
NCO CO    N2     sing N N 78  
NCO CO    N3     sing N N 79  
NCO CO    N4     sing N N 80  
NCO CO    N5     sing N N 81  
NCO CO    N6     sing N N 82  
NCO N1    HN11   sing N N 83  
NCO N1    HN12   sing N N 84  
NCO N1    HN13   sing N N 85  
NCO N2    HN21   sing N N 86  
NCO N2    HN22   sing N N 87  
NCO N2    HN23   sing N N 88  
NCO N3    HN31   sing N N 89  
NCO N3    HN32   sing N N 90  
NCO N3    HN33   sing N N 91  
NCO N4    HN41   sing N N 92  
NCO N4    HN42   sing N N 93  
NCO N4    HN43   sing N N 94  
NCO N5    HN51   sing N N 95  
NCO N5    HN52   sing N N 96  
NCO N5    HN53   sing N N 97  
NCO N6    HN61   sing N N 98  
NCO N6    HN62   sing N N 99  
NCO N6    HN63   sing N N 100 
# 
_ndb_struct_conf_na.entry_id   1DN8 
_ndb_struct_conf_na.feature    'z-form double helix' 
# 
loop_
_ndb_struct_na_base_pair.model_number 
_ndb_struct_na_base_pair.i_label_asym_id 
_ndb_struct_na_base_pair.i_label_comp_id 
_ndb_struct_na_base_pair.i_label_seq_id 
_ndb_struct_na_base_pair.i_symmetry 
_ndb_struct_na_base_pair.j_label_asym_id 
_ndb_struct_na_base_pair.j_label_comp_id 
_ndb_struct_na_base_pair.j_label_seq_id 
_ndb_struct_na_base_pair.j_symmetry 
_ndb_struct_na_base_pair.shear 
_ndb_struct_na_base_pair.stretch 
_ndb_struct_na_base_pair.stagger 
_ndb_struct_na_base_pair.buckle 
_ndb_struct_na_base_pair.propeller 
_ndb_struct_na_base_pair.opening 
_ndb_struct_na_base_pair.pair_number 
_ndb_struct_na_base_pair.pair_name 
_ndb_struct_na_base_pair.i_auth_asym_id 
_ndb_struct_na_base_pair.i_auth_seq_id 
_ndb_struct_na_base_pair.i_PDB_ins_code 
_ndb_struct_na_base_pair.j_auth_asym_id 
_ndb_struct_na_base_pair.j_auth_seq_id 
_ndb_struct_na_base_pair.j_PDB_ins_code 
_ndb_struct_na_base_pair.hbond_type_28 
_ndb_struct_na_base_pair.hbond_type_12 
1 A DT 1 1_555 B DG 2 1_555 -0.155 -0.266 0.999 -1.456  -2.073 -0.671 1 A_DT1:DG4_B A 1 ? B 4 ? ?  ? 
1 A DG 2 1_555 B DT 1 1_555 0.761  -0.233 0.052 -11.154 3.696  5.008  2 A_DG2:DT3_B A 2 ? B 3 ? 28 1 
# 
_ndb_struct_na_base_pair_step.model_number        1 
_ndb_struct_na_base_pair_step.i_label_asym_id_1   A 
_ndb_struct_na_base_pair_step.i_label_comp_id_1   DT 
_ndb_struct_na_base_pair_step.i_label_seq_id_1    1 
_ndb_struct_na_base_pair_step.i_symmetry_1        1_555 
_ndb_struct_na_base_pair_step.j_label_asym_id_1   B 
_ndb_struct_na_base_pair_step.j_label_comp_id_1   DG 
_ndb_struct_na_base_pair_step.j_label_seq_id_1    2 
_ndb_struct_na_base_pair_step.j_symmetry_1        1_555 
_ndb_struct_na_base_pair_step.i_label_asym_id_2   A 
_ndb_struct_na_base_pair_step.i_label_comp_id_2   DG 
_ndb_struct_na_base_pair_step.i_label_seq_id_2    2 
_ndb_struct_na_base_pair_step.i_symmetry_2        1_555 
_ndb_struct_na_base_pair_step.j_label_asym_id_2   B 
_ndb_struct_na_base_pair_step.j_label_comp_id_2   DT 
_ndb_struct_na_base_pair_step.j_label_seq_id_2    1 
_ndb_struct_na_base_pair_step.j_symmetry_2        1_555 
_ndb_struct_na_base_pair_step.shift               0.200 
_ndb_struct_na_base_pair_step.slide               4.941 
_ndb_struct_na_base_pair_step.rise                4.022 
_ndb_struct_na_base_pair_step.tilt                9.130 
_ndb_struct_na_base_pair_step.roll                6.575 
_ndb_struct_na_base_pair_step.twist               -4.032 
_ndb_struct_na_base_pair_step.x_displacement      -28.693 
_ndb_struct_na_base_pair_step.y_displacement      7.848 
_ndb_struct_na_base_pair_step.helical_rise        -1.511 
_ndb_struct_na_base_pair_step.inclination         -41.109 
_ndb_struct_na_base_pair_step.tip                 57.083 
_ndb_struct_na_base_pair_step.helical_twist       -11.949 
_ndb_struct_na_base_pair_step.step_number         1 
_ndb_struct_na_base_pair_step.step_name           AA_DT1DG2:DT3DG4_BB 
_ndb_struct_na_base_pair_step.i_auth_asym_id_1    A 
_ndb_struct_na_base_pair_step.i_auth_seq_id_1     1 
_ndb_struct_na_base_pair_step.i_PDB_ins_code_1    ? 
_ndb_struct_na_base_pair_step.j_auth_asym_id_1    B 
_ndb_struct_na_base_pair_step.j_auth_seq_id_1     4 
_ndb_struct_na_base_pair_step.j_PDB_ins_code_1    ? 
_ndb_struct_na_base_pair_step.i_auth_asym_id_2    A 
_ndb_struct_na_base_pair_step.i_auth_seq_id_2     2 
_ndb_struct_na_base_pair_step.i_PDB_ins_code_2    ? 
_ndb_struct_na_base_pair_step.j_auth_asym_id_2    B 
_ndb_struct_na_base_pair_step.j_auth_seq_id_2     3 
_ndb_struct_na_base_pair_step.j_PDB_ins_code_2    ? 
# 
_atom_sites.entry_id                    1DN8 
_atom_sites.fract_transf_matrix[1][1]   0.01313999 
_atom_sites.fract_transf_matrix[1][2]   -0.06222988 
_atom_sites.fract_transf_matrix[1][3]   0.01010639 
_atom_sites.fract_transf_matrix[2][1]   0.02573472 
_atom_sites.fract_transf_matrix[2][2]   -0.01880068 
_atom_sites.fract_transf_matrix[2][3]   0.05596087 
_atom_sites.fract_transf_matrix[3][1]   -0.02111649 
_atom_sites.fract_transf_matrix[3][2]   -0.00304802 
_atom_sites.fract_transf_matrix[3][3]   0.00868682 
_atom_sites.fract_transf_vector[1]      0.161139 
_atom_sites.fract_transf_vector[2]      0.115040 
_atom_sites.fract_transf_vector[3]      0.074001 
# 
loop_
_atom_type.symbol 
C  
CO 
N  
O  
P  
# 
loop_
_atom_site.group_PDB 
_atom_site.id 
_atom_site.type_symbol 
_atom_site.label_atom_id 
_atom_site.label_alt_id 
_atom_site.label_comp_id 
_atom_site.label_asym_id 
_atom_site.label_entity_id 
_atom_site.label_seq_id 
_atom_site.pdbx_PDB_ins_code 
_atom_site.Cartn_x 
_atom_site.Cartn_y 
_atom_site.Cartn_z 
_atom_site.occupancy 
_atom_site.B_iso_or_equiv 
_atom_site.pdbx_formal_charge 
_atom_site.auth_seq_id 
_atom_site.auth_comp_id 
_atom_site.auth_asym_id 
_atom_site.auth_atom_id 
_atom_site.pdbx_PDB_model_num 
ATOM   1  P  P     . DT  A 1 1 ? 0.955  -3.461 -7.230 0.83 14.00 ? 1 DT  A P     1 
ATOM   2  O  OP1   . DT  A 1 1 ? -0.052 -4.365 -6.883 0.83 15.00 ? 1 DT  A OP1   1 
ATOM   3  O  OP2   . DT  A 1 1 ? 1.301  -2.991 -8.732 0.83 10.00 ? 1 DT  A OP2   1 
ATOM   4  O  "O5'" . DT  A 1 1 ? 0.712  -1.839 -6.671 1.00 12.00 ? 1 DT  A "O5'" 1 
ATOM   5  C  "C5'" . DT  A 1 1 ? -0.724 -1.811 -6.493 1.00 11.00 ? 1 DT  A "C5'" 1 
ATOM   6  C  "C4'" . DT  A 1 1 ? -0.966 -0.614 -5.626 1.00 8.00  ? 1 DT  A "C4'" 1 
ATOM   7  O  "O4'" . DT  A 1 1 ? -0.872 -0.828 -4.218 1.00 2.00  ? 1 DT  A "O4'" 1 
ATOM   8  C  "C3'" . DT  A 1 1 ? 0.029  0.508  -5.968 1.00 4.00  ? 1 DT  A "C3'" 1 
ATOM   9  O  "O3'" . DT  A 1 1 ? -0.715 1.727  -5.863 1.00 12.00 ? 1 DT  A "O3'" 1 
ATOM   10 C  "C2'" . DT  A 1 1 ? 1.015  0.479  -4.847 1.00 10.00 ? 1 DT  A "C2'" 1 
ATOM   11 C  "C1'" . DT  A 1 1 ? 0.069  0.109  -3.754 1.00 2.00  ? 1 DT  A "C1'" 1 
ATOM   12 N  N1    . DT  A 1 1 ? 0.742  -0.638 -2.725 1.00 6.00  ? 1 DT  A N1    1 
ATOM   13 C  C2    . DT  A 1 1 ? 0.961  -0.041 -1.510 1.00 10.00 ? 1 DT  A C2    1 
ATOM   14 O  O2    . DT  A 1 1 ? 0.720  1.178  -1.313 1.00 8.00  ? 1 DT  A O2    1 
ATOM   15 N  N3    . DT  A 1 1 ? 1.539  -0.881 -0.622 1.00 7.00  ? 1 DT  A N3    1 
ATOM   16 C  C4    . DT  A 1 1 ? 1.910  -2.144 -0.875 1.00 12.00 ? 1 DT  A C4    1 
ATOM   17 O  O4    . DT  A 1 1 ? 2.485  -2.808 0.058  1.00 14.00 ? 1 DT  A O4    1 
ATOM   18 C  C5    . DT  A 1 1 ? 1.668  -2.725 -2.141 1.00 9.00  ? 1 DT  A C5    1 
ATOM   19 C  C7    . DT  A 1 1 ? 1.987  -4.168 -2.423 0.40 9.00  ? 1 DT  A C7    1 
ATOM   20 C  C6    . DT  A 1 1 ? 1.069  -1.916 -3.001 1.00 10.00 ? 1 DT  A C6    1 
ATOM   21 P  P     . DG  A 1 2 ? -1.493 2.544  -6.996 1.00 18.00 ? 2 DG  A P     1 
ATOM   22 O  OP1   . DG  A 1 2 ? -0.405 3.113  -7.859 1.00 13.00 ? 2 DG  A OP1   1 
ATOM   23 O  OP2   . DG  A 1 2 ? -1.676 3.796  -6.058 1.00 15.00 ? 2 DG  A OP2   1 
ATOM   24 O  "O5'" . DG  A 1 2 ? -2.822 1.951  -7.431 1.00 7.00  ? 2 DG  A "O5'" 1 
ATOM   25 C  "C5'" . DG  A 1 2 ? -4.049 2.184  -6.634 1.00 9.00  ? 2 DG  A "C5'" 1 
ATOM   26 C  "C4'" . DG  A 1 2 ? -5.009 1.106  -7.104 1.00 8.00  ? 2 DG  A "C4'" 1 
ATOM   27 O  "O4'" . DG  A 1 2 ? -4.191 -0.028 -7.214 1.00 10.00 ? 2 DG  A "O4'" 1 
ATOM   28 C  "C3'" . DG  A 1 2 ? -6.170 0.653  -6.249 1.00 9.00  ? 2 DG  A "C3'" 1 
ATOM   29 O  "O3'" . DG  A 1 2 ? -7.486 1.177  -6.516 1.00 14.00 ? 2 DG  A "O3'" 1 
ATOM   30 C  "C2'" . DG  A 1 2 ? -6.286 -0.841 -6.504 1.00 11.00 ? 2 DG  A "C2'" 1 
ATOM   31 C  "C1'" . DG  A 1 2 ? -4.894 -1.241 -6.989 1.00 14.00 ? 2 DG  A "C1'" 1 
ATOM   32 N  N9    . DG  A 1 2 ? -4.333 -2.124 -5.971 1.00 15.00 ? 2 DG  A N9    1 
ATOM   33 C  C8    . DG  A 1 2 ? -4.181 -3.483 -6.023 1.00 19.00 ? 2 DG  A C8    1 
ATOM   34 N  N7    . DG  A 1 2 ? -3.701 -4.179 -4.971 1.00 21.00 ? 2 DG  A N7    1 
ATOM   35 C  C5    . DG  A 1 2 ? -3.539 -2.901 -4.073 1.00 19.00 ? 2 DG  A C5    1 
ATOM   36 C  C6    . DG  A 1 2 ? -3.035 -2.801 -2.743 1.00 21.00 ? 2 DG  A C6    1 
ATOM   37 O  O6    . DG  A 1 2 ? -2.643 -3.704 -1.981 1.00 18.00 ? 2 DG  A O6    1 
ATOM   38 N  N1    . DG  A 1 2 ? -3.051 -1.502 -2.281 1.00 22.00 ? 2 DG  A N1    1 
ATOM   39 C  C2    . DG  A 1 2 ? -3.482 -0.433 -2.999 1.00 18.00 ? 2 DG  A C2    1 
ATOM   40 N  N2    . DG  A 1 2 ? -3.433 0.746  -2.385 0.60 18.00 ? 2 DG  A N2    1 
ATOM   41 N  N3    . DG  A 1 2 ? -3.944 -0.491 -4.235 1.00 18.00 ? 2 DG  A N3    1 
ATOM   42 C  C4    . DG  A 1 2 ? -3.947 -1.747 -4.706 1.00 19.00 ? 2 DG  A C4    1 
ATOM   43 P  P     . DT  B 1 1 ? -0.356 -1.176 6.873  0.83 18.00 ? 3 DT  B P     1 
ATOM   44 O  OP1   . DT  B 1 1 ? 0.400  -2.305 6.299  0.83 14.00 ? 3 DT  B OP1   1 
ATOM   45 O  OP2   . DT  B 1 1 ? -0.118 -0.656 8.220  0.83 17.00 ? 3 DT  B OP2   1 
ATOM   46 O  "O5'" . DT  B 1 1 ? -0.583 -0.210 5.588  1.00 21.00 ? 3 DT  B "O5'" 1 
ATOM   47 C  "C5'" . DT  B 1 1 ? 0.093  1.056  5.798  1.00 22.00 ? 3 DT  B "C5'" 1 
ATOM   48 C  "C4'" . DT  B 1 1 ? -0.059 1.880  4.523  1.00 15.00 ? 3 DT  B "C4'" 1 
ATOM   49 O  "O4'" . DT  B 1 1 ? 0.437  1.063  3.460  1.00 23.00 ? 3 DT  B "O4'" 1 
ATOM   50 C  "C3'" . DT  B 1 1 ? -1.515 2.251  4.324  1.00 12.00 ? 3 DT  B "C3'" 1 
ATOM   51 O  "O3'" . DT  B 1 1 ? -1.943 3.550  3.832  1.00 7.00  ? 3 DT  B "O3'" 1 
ATOM   52 C  "C2'" . DT  B 1 1 ? -1.839 1.118  3.324  1.00 8.00  ? 3 DT  B "C2'" 1 
ATOM   53 C  "C1'" . DT  B 1 1 ? -0.613 0.908  2.524  1.00 17.00 ? 3 DT  B "C1'" 1 
ATOM   54 N  N1    . DT  B 1 1 ? -0.656 -0.457 1.974  1.00 25.00 ? 3 DT  B N1    1 
ATOM   55 C  C2    . DT  B 1 1 ? -1.402 -0.644 0.799  1.00 26.00 ? 3 DT  B C2    1 
ATOM   56 O  O2    . DT  B 1 1 ? -1.976 0.311  0.257  1.00 24.00 ? 3 DT  B O2    1 
ATOM   57 N  N3    . DT  B 1 1 ? -1.479 -1.906 0.327  1.00 23.00 ? 3 DT  B N3    1 
ATOM   58 C  C4    . DT  B 1 1 ? -0.900 -2.956 0.953  1.00 25.00 ? 3 DT  B C4    1 
ATOM   59 O  O4    . DT  B 1 1 ? -1.015 -4.090 0.427  1.00 28.00 ? 3 DT  B O4    1 
ATOM   60 C  C5    . DT  B 1 1 ? -0.175 -2.763 2.150  1.00 25.00 ? 3 DT  B C5    1 
ATOM   61 C  C7    . DT  B 1 1 ? 0.510  -3.887 2.878  0.40 26.00 ? 3 DT  B C7    1 
ATOM   62 C  C6    . DT  B 1 1 ? -0.101 -1.505 2.622  1.00 25.00 ? 3 DT  B C6    1 
ATOM   63 P  P     . DG  B 1 2 ? -1.738 4.838  4.759  1.00 8.00  ? 4 DG  B P     1 
ATOM   64 O  OP1   . DG  B 1 2 ? -2.167 5.378  6.014  1.00 11.00 ? 4 DG  B OP1   1 
ATOM   65 O  OP2   . DG  B 1 2 ? -1.680 5.587  3.564  1.00 10.00 ? 4 DG  B OP2   1 
ATOM   66 O  "O5'" . DG  B 1 2 ? -0.093 4.655  5.091  1.00 5.00  ? 4 DG  B "O5'" 1 
ATOM   67 C  "C5'" . DG  B 1 2 ? 0.685  5.648  4.315  1.00 3.00  ? 4 DG  B "C5'" 1 
ATOM   68 C  "C4'" . DG  B 1 2 ? 1.988  5.614  5.088  1.00 2.00  ? 4 DG  B "C4'" 1 
ATOM   69 O  "O4'" . DG  B 1 2 ? 2.133  4.297  5.555  1.00 2.00  ? 4 DG  B "O4'" 1 
ATOM   70 C  "C3'" . DG  B 1 2 ? 3.206  5.880  4.284  1.00 2.00  ? 4 DG  B "C3'" 1 
ATOM   71 O  "O3'" . DG  B 1 2 ? 3.485  7.294  4.356  1.00 15.00 ? 4 DG  B "O3'" 1 
ATOM   72 C  "C2'" . DG  B 1 2 ? 4.251  4.965  4.893  1.00 7.00  ? 4 DG  B "C2'" 1 
ATOM   73 C  "C1'" . DG  B 1 2 ? 3.480  3.857  5.577  1.00 7.00  ? 4 DG  B "C1'" 1 
ATOM   74 N  N9    . DG  B 1 2 ? 3.622  2.536  4.963  1.00 11.00 ? 4 DG  B N9    1 
ATOM   75 C  C8    . DG  B 1 2 ? 4.171  1.453  5.607  1.00 15.00 ? 4 DG  B C8    1 
ATOM   76 N  N7    . DG  B 1 2 ? 4.247  0.351  4.898  1.00 11.00 ? 4 DG  B N7    1 
ATOM   77 C  C5    . DG  B 1 2 ? 3.680  0.751  3.695  1.00 14.00 ? 4 DG  B C5    1 
ATOM   78 C  C6    . DG  B 1 2 ? 3.488  0.001  2.504  1.00 15.00 ? 4 DG  B C6    1 
ATOM   79 O  O6    . DG  B 1 2 ? 3.160  -1.586 0.678  1.00 15.00 ? 4 DG  B O6    1 
ATOM   80 N  N1    . DG  B 1 2 ? 2.893  0.751  1.550  1.00 11.00 ? 4 DG  B N1    1 
ATOM   81 C  C2    . DG  B 1 2 ? 2.568  2.054  1.656  1.00 14.00 ? 4 DG  B C2    1 
ATOM   82 N  N2    . DG  B 1 2 ? 1.993  2.603  0.568  0.60 12.00 ? 4 DG  B N2    1 
ATOM   83 N  N3    . DG  B 1 2 ? 2.735  2.796  2.749  1.00 14.00 ? 4 DG  B N3    1 
ATOM   84 C  C4    . DG  B 1 2 ? 3.287  2.064  3.731  1.00 13.00 ? 4 DG  B C4    1 
HETATM 85 CO CO    . NCO C 2 . ? 4.867  -3.678 6.511  0.67 46.00 ? 5 NCO B CO    1 
HETATM 86 N  N1    . NCO C 2 . ? 4.815  -4.197 8.424  1.00 42.00 ? 5 NCO B N1    1 
HETATM 87 N  N2    . NCO C 2 . ? 5.243  -5.567 6.050  0.01 43.00 ? 5 NCO B N2    1 
HETATM 88 N  N3    . NCO C 2 . ? 4.796  -3.267 4.549  1.00 42.00 ? 5 NCO B N3    1 
HETATM 89 N  N4    . NCO C 2 . ? 4.440  -1.833 6.973  0.29 44.00 ? 5 NCO B N4    1 
HETATM 90 N  N5    . NCO C 2 . ? 2.917  -4.093 6.416  0.01 43.00 ? 5 NCO B N5    1 
HETATM 91 N  N6    . NCO C 2 . ? 6.753  -3.302 6.590  0.01 43.00 ? 5 NCO B N6    1 
# 
